data_5ZIM
#
_entry.id   5ZIM
#
_cell.length_a   60.600
_cell.length_b   60.600
_cell.length_c   110.710
_cell.angle_alpha   90.00
_cell.angle_beta   90.00
_cell.angle_gamma   120.00
#
_symmetry.space_group_name_H-M   'P 63'
#
loop_
_entity.id
_entity.type
_entity.pdbx_description
1 polymer Bacteriorhodopsin
2 non-polymer RETINAL
3 non-polymer 2,3-DI-PHYTANYL-GLYCEROL
4 water water
#
_entity_poly.entity_id   1
_entity_poly.type   'polypeptide(L)'
_entity_poly.pdbx_seq_one_letter_code
;TGRPEWIWLALGTALMGLGTLYFLVKGMGVSDPDAKKFYAITTLVPAIAFTMYLSMLLGYGLTMVPFGGEQNPIYWARYA
DWLFTTPLLLLDLALLVDADQGTILALVGADGIMIGTGLVGALTKVYSYRFVWWAISTAAMLYILYVLFFGFTSKAESMR
PEVASTFKVLRNVTVVLWSAYPVVWLIGSEGAGIVPLNIETLLFMVLDVSAKVGFGLILLRSRAIFGE
;
_entity_poly.pdbx_strand_id   A
#
loop_
_chem_comp.id
_chem_comp.type
_chem_comp.name
_chem_comp.formula
L2P non-polymer 2,3-DI-PHYTANYL-GLYCEROL 'C43 H88 O3'
RET non-polymer RETINAL 'C20 H28 O'
#
# COMPACT_ATOMS: atom_id res chain seq x y z
N THR A 1 -6.59 18.69 16.76
CA THR A 1 -7.82 17.94 16.84
C THR A 1 -8.99 18.76 16.26
N GLY A 2 -10.13 18.10 16.25
CA GLY A 2 -11.49 18.38 15.96
C GLY A 2 -12.15 17.07 15.51
N ARG A 3 -11.36 16.29 14.79
CA ARG A 3 -11.79 14.97 14.38
C ARG A 3 -11.05 13.96 15.23
N PRO A 4 -11.74 13.02 15.84
CA PRO A 4 -11.04 12.13 16.76
C PRO A 4 -9.90 11.38 16.12
N GLU A 5 -10.00 11.14 14.82
CA GLU A 5 -8.96 10.35 14.16
C GLU A 5 -7.70 11.17 13.95
N TRP A 6 -7.69 12.44 14.31
CA TRP A 6 -6.50 13.28 14.03
C TRP A 6 -5.24 12.63 14.58
N ILE A 7 -5.31 12.03 15.77
CA ILE A 7 -4.07 11.53 16.37
C ILE A 7 -3.44 10.46 15.51
N TRP A 8 -4.24 9.59 14.90
CA TRP A 8 -3.61 8.57 14.03
C TRP A 8 -3.10 9.14 12.70
N LEU A 9 -3.76 10.17 12.18
CA LEU A 9 -3.24 10.86 10.97
C LEU A 9 -1.95 11.56 11.30
N ALA A 10 -1.86 12.14 12.51
CA ALA A 10 -0.59 12.79 12.90
C ALA A 10 0.54 11.80 13.11
N LEU A 11 0.26 10.70 13.84
N LEU A 11 0.25 10.71 13.85
CA LEU A 11 1.27 9.66 13.97
CA LEU A 11 1.24 9.67 14.01
C LEU A 11 1.67 9.12 12.60
C LEU A 11 1.59 8.96 12.72
N GLY A 12 0.68 8.83 11.76
CA GLY A 12 1.03 8.26 10.45
C GLY A 12 1.91 9.21 9.70
N THR A 13 1.59 10.52 9.74
CA THR A 13 2.43 11.51 9.07
C THR A 13 3.83 11.44 9.63
N ALA A 14 3.97 11.44 10.95
CA ALA A 14 5.32 11.41 11.52
C ALA A 14 6.07 10.15 11.19
N LEU A 15 5.45 8.98 11.27
CA LEU A 15 6.16 7.74 11.01
C LEU A 15 6.53 7.60 9.56
N MET A 16 5.66 8.04 8.64
CA MET A 16 6.07 8.00 7.23
C MET A 16 7.21 8.98 6.96
N GLY A 17 7.14 10.18 7.53
CA GLY A 17 8.20 11.17 7.39
C GLY A 17 9.51 10.63 7.91
N LEU A 18 9.53 10.11 9.11
CA LEU A 18 10.72 9.54 9.73
C LEU A 18 11.24 8.36 8.90
N GLY A 19 10.33 7.48 8.48
CA GLY A 19 10.81 6.38 7.62
C GLY A 19 11.44 6.87 6.33
N THR A 20 10.83 7.86 5.70
CA THR A 20 11.42 8.49 4.53
C THR A 20 12.84 8.98 4.80
N LEU A 21 13.00 9.74 5.88
CA LEU A 21 14.32 10.34 6.12
C LEU A 21 15.33 9.23 6.39
N TYR A 22 14.89 8.22 7.12
CA TYR A 22 15.79 7.09 7.43
C TYR A 22 16.23 6.44 6.14
N PHE A 23 15.28 6.12 5.23
CA PHE A 23 15.73 5.44 3.99
C PHE A 23 16.55 6.33 3.11
N LEU A 24 16.27 7.63 3.12
CA LEU A 24 17.05 8.61 2.35
C LEU A 24 18.49 8.60 2.81
N VAL A 25 18.70 8.63 4.13
CA VAL A 25 20.05 8.64 4.69
C VAL A 25 20.73 7.29 4.40
N LYS A 26 19.97 6.21 4.64
CA LYS A 26 20.58 4.89 4.46
C LYS A 26 21.04 4.69 3.03
N GLY A 27 20.31 5.26 2.06
CA GLY A 27 20.71 4.98 0.67
C GLY A 27 21.76 5.93 0.15
N MET A 28 22.12 6.94 0.93
CA MET A 28 23.17 7.86 0.48
C MET A 28 24.44 7.13 0.07
N GLY A 29 24.93 7.49 -1.12
CA GLY A 29 26.16 6.90 -1.58
C GLY A 29 26.13 5.47 -2.05
N VAL A 30 24.97 4.82 -2.11
CA VAL A 30 25.00 3.45 -2.61
C VAL A 30 25.27 3.62 -4.11
N SER A 31 26.19 2.80 -4.63
N SER A 31 26.17 2.79 -4.65
CA SER A 31 26.64 2.91 -6.01
CA SER A 31 26.56 2.92 -6.05
C SER A 31 26.15 1.76 -6.88
C SER A 31 26.03 1.79 -6.90
N ASP A 32 25.77 0.63 -6.29
CA ASP A 32 25.29 -0.53 -7.06
C ASP A 32 23.99 -0.18 -7.78
N PRO A 33 23.95 -0.21 -9.10
CA PRO A 33 22.71 0.20 -9.80
C PRO A 33 21.46 -0.57 -9.39
N ASP A 34 21.61 -1.84 -9.06
CA ASP A 34 20.42 -2.62 -8.66
C ASP A 34 19.89 -2.11 -7.32
N ALA A 35 20.82 -1.92 -6.37
CA ALA A 35 20.51 -1.41 -5.06
C ALA A 35 19.94 -0.01 -5.16
N LYS A 36 20.49 0.82 -6.06
CA LYS A 36 19.87 2.14 -6.25
C LYS A 36 18.41 2.07 -6.66
N LYS A 37 18.04 1.16 -7.54
CA LYS A 37 16.63 0.94 -7.87
C LYS A 37 15.78 0.68 -6.65
N PHE A 38 16.22 -0.27 -5.81
CA PHE A 38 15.44 -0.62 -4.64
C PHE A 38 15.38 0.54 -3.66
N TYR A 39 16.49 1.25 -3.45
CA TYR A 39 16.40 2.43 -2.54
C TYR A 39 15.44 3.46 -3.12
N ALA A 40 15.47 3.71 -4.43
CA ALA A 40 14.61 4.78 -4.96
C ALA A 40 13.16 4.40 -4.77
N ILE A 41 12.82 3.18 -5.21
CA ILE A 41 11.39 2.75 -5.05
C ILE A 41 10.98 2.82 -3.61
N THR A 42 11.85 2.30 -2.73
CA THR A 42 11.43 2.07 -1.36
C THR A 42 11.41 3.33 -0.49
N THR A 43 12.20 4.32 -0.94
CA THR A 43 12.16 5.61 -0.26
C THR A 43 10.96 6.44 -0.76
N LEU A 44 10.66 6.39 -2.05
CA LEU A 44 9.50 7.11 -2.61
C LEU A 44 8.22 6.67 -1.95
N VAL A 45 8.11 5.40 -1.56
CA VAL A 45 6.83 4.88 -1.06
C VAL A 45 6.41 5.60 0.22
N PRO A 46 7.19 5.66 1.31
CA PRO A 46 6.76 6.45 2.46
C PRO A 46 6.81 7.96 2.22
N ALA A 47 7.57 8.44 1.23
CA ALA A 47 7.56 9.90 0.97
C ALA A 47 6.20 10.32 0.44
N ILE A 48 5.67 9.56 -0.51
CA ILE A 48 4.31 9.75 -1.01
C ILE A 48 3.29 9.58 0.13
N ALA A 49 3.42 8.53 0.92
CA ALA A 49 2.48 8.35 2.00
C ALA A 49 2.59 9.46 3.01
N PHE A 50 3.76 9.99 3.31
CA PHE A 50 3.85 11.18 4.17
C PHE A 50 2.97 12.31 3.66
N THR A 51 3.10 12.62 2.35
CA THR A 51 2.29 13.75 1.82
C THR A 51 0.83 13.50 1.93
N MET A 52 0.38 12.26 1.73
CA MET A 52 -1.03 11.99 1.75
C MET A 52 -1.58 11.88 3.15
N TYR A 53 -0.83 11.32 4.07
CA TYR A 53 -1.17 11.46 5.51
C TYR A 53 -1.27 12.89 5.93
N LEU A 54 -0.32 13.74 5.54
CA LEU A 54 -0.41 15.15 5.91
C LEU A 54 -1.69 15.75 5.31
N SER A 55 -1.99 15.42 4.05
CA SER A 55 -3.23 16.03 3.48
C SER A 55 -4.45 15.57 4.24
N MET A 56 -4.46 14.34 4.75
CA MET A 56 -5.63 13.92 5.58
C MET A 56 -5.66 14.69 6.89
N LEU A 57 -4.49 14.79 7.51
CA LEU A 57 -4.38 15.51 8.78
C LEU A 57 -4.86 16.94 8.67
N LEU A 58 -4.50 17.62 7.57
CA LEU A 58 -4.91 19.04 7.42
C LEU A 58 -6.32 19.24 6.87
N GLY A 59 -6.95 18.13 6.49
CA GLY A 59 -8.33 18.15 6.00
C GLY A 59 -8.47 18.18 4.50
N TYR A 60 -7.41 18.39 3.75
CA TYR A 60 -7.55 18.52 2.29
C TYR A 60 -7.96 17.18 1.70
N GLY A 61 -7.46 16.10 2.27
CA GLY A 61 -7.73 14.77 1.77
C GLY A 61 -9.00 14.10 2.23
N LEU A 62 -9.91 14.87 2.79
CA LEU A 62 -11.22 14.42 3.29
C LEU A 62 -12.31 15.02 2.41
N THR A 63 -13.32 14.24 2.04
CA THR A 63 -14.51 14.78 1.40
C THR A 63 -15.74 14.14 2.03
N MET A 64 -16.91 14.73 1.81
CA MET A 64 -18.16 14.18 2.36
C MET A 64 -18.93 13.49 1.21
N VAL A 65 -19.24 12.20 1.40
CA VAL A 65 -19.98 11.53 0.32
C VAL A 65 -21.37 11.21 0.82
N PRO A 66 -22.43 11.65 0.15
CA PRO A 66 -23.76 11.26 0.60
C PRO A 66 -24.02 9.83 0.17
N PHE A 67 -24.46 9.05 1.15
CA PHE A 67 -24.93 7.71 0.82
C PHE A 67 -25.61 7.25 2.08
N GLY A 68 -26.48 6.25 1.96
CA GLY A 68 -27.11 5.81 3.20
C GLY A 68 -27.89 6.89 3.91
N GLY A 69 -28.28 7.99 3.25
CA GLY A 69 -29.14 8.96 3.95
C GLY A 69 -28.38 10.00 4.70
N GLU A 70 -27.05 10.04 4.51
CA GLU A 70 -26.18 10.75 5.44
C GLU A 70 -24.90 11.24 4.76
N GLN A 71 -24.23 12.20 5.39
CA GLN A 71 -23.00 12.76 4.84
C GLN A 71 -21.82 12.06 5.48
N ASN A 72 -21.11 11.24 4.70
CA ASN A 72 -20.11 10.34 5.22
C ASN A 72 -18.70 10.86 4.97
N PRO A 73 -17.91 11.01 6.00
CA PRO A 73 -16.51 11.42 5.80
C PRO A 73 -15.71 10.34 5.09
N ILE A 74 -15.14 10.70 3.96
CA ILE A 74 -14.37 9.75 3.15
C ILE A 74 -13.00 10.36 2.91
N TYR A 75 -11.97 9.72 3.42
CA TYR A 75 -10.61 10.17 3.10
C TYR A 75 -10.16 9.68 1.74
N TRP A 76 -10.32 10.53 0.71
CA TRP A 76 -9.99 10.08 -0.66
C TRP A 76 -8.51 10.10 -0.84
N ALA A 77 -7.74 10.82 0.01
CA ALA A 77 -6.29 10.89 -0.28
C ALA A 77 -5.63 9.54 -0.17
N ARG A 78 -6.21 8.61 0.58
CA ARG A 78 -5.63 7.26 0.61
C ARG A 78 -5.50 6.70 -0.78
N TYR A 79 -6.47 6.90 -1.67
CA TYR A 79 -6.38 6.32 -3.01
C TYR A 79 -5.32 6.97 -3.87
N ALA A 80 -5.10 8.29 -3.67
CA ALA A 80 -4.02 8.95 -4.37
C ALA A 80 -2.65 8.45 -3.92
N ASP A 81 -2.51 8.15 -2.63
CA ASP A 81 -1.35 7.48 -2.08
C ASP A 81 -1.19 6.11 -2.75
N TRP A 82 -2.18 5.24 -2.56
CA TRP A 82 -2.04 3.86 -3.01
C TRP A 82 -1.86 3.75 -4.52
N LEU A 83 -2.46 4.66 -5.27
CA LEU A 83 -2.30 4.60 -6.76
C LEU A 83 -0.84 4.46 -7.18
N PHE A 84 0.01 5.20 -6.45
CA PHE A 84 1.44 5.18 -6.74
C PHE A 84 2.20 4.20 -5.87
N THR A 85 1.83 4.16 -4.58
CA THR A 85 2.73 3.37 -3.69
C THR A 85 2.53 1.87 -3.77
N THR A 86 1.31 1.42 -4.12
CA THR A 86 1.12 -0.03 -4.22
C THR A 86 1.75 -0.57 -5.50
N PRO A 87 1.68 0.05 -6.69
CA PRO A 87 2.53 -0.49 -7.78
C PRO A 87 4.01 -0.42 -7.47
N LEU A 88 4.49 0.61 -6.78
CA LEU A 88 5.91 0.69 -6.42
C LEU A 88 6.29 -0.49 -5.54
N LEU A 89 5.48 -0.82 -4.53
CA LEU A 89 5.75 -1.99 -3.68
C LEU A 89 5.80 -3.28 -4.52
N LEU A 90 4.86 -3.41 -5.45
CA LEU A 90 4.91 -4.60 -6.33
C LEU A 90 6.14 -4.58 -7.20
N LEU A 91 6.61 -3.40 -7.62
CA LEU A 91 7.81 -3.34 -8.42
C LEU A 91 9.03 -3.81 -7.65
N ASP A 92 9.09 -3.51 -6.37
CA ASP A 92 10.21 -4.01 -5.54
C ASP A 92 10.17 -5.53 -5.54
N LEU A 93 8.96 -6.10 -5.35
CA LEU A 93 8.94 -7.57 -5.38
C LEU A 93 9.40 -8.16 -6.70
N ALA A 94 8.89 -7.57 -7.77
CA ALA A 94 9.10 -8.07 -9.11
C ALA A 94 10.56 -7.94 -9.51
N LEU A 95 11.21 -6.85 -9.08
CA LEU A 95 12.63 -6.69 -9.42
C LEU A 95 13.47 -7.70 -8.67
N LEU A 96 13.06 -8.01 -7.41
CA LEU A 96 13.82 -8.99 -6.65
C LEU A 96 13.92 -10.28 -7.46
N VAL A 97 12.76 -10.69 -8.00
CA VAL A 97 12.81 -11.96 -8.74
C VAL A 97 13.12 -11.82 -10.21
N ASP A 98 13.51 -10.65 -10.69
CA ASP A 98 13.80 -10.60 -12.13
C ASP A 98 12.57 -10.95 -12.95
N ALA A 99 11.38 -10.51 -12.52
CA ALA A 99 10.18 -10.80 -13.28
C ALA A 99 10.24 -10.37 -14.73
N ASP A 100 9.56 -11.17 -15.57
CA ASP A 100 9.39 -10.77 -16.97
C ASP A 100 8.56 -9.48 -17.01
N GLN A 101 8.76 -8.67 -18.04
CA GLN A 101 8.03 -7.45 -18.24
C GLN A 101 6.54 -7.66 -18.35
N GLY A 102 6.10 -8.73 -18.99
CA GLY A 102 4.66 -8.98 -19.02
C GLY A 102 4.08 -9.17 -17.63
N THR A 103 4.81 -9.86 -16.75
CA THR A 103 4.30 -10.06 -15.41
C THR A 103 4.24 -8.77 -14.63
N ILE A 104 5.22 -7.88 -14.82
CA ILE A 104 5.19 -6.57 -14.16
C ILE A 104 4.01 -5.78 -14.68
N LEU A 105 3.76 -5.80 -15.98
CA LEU A 105 2.60 -5.06 -16.52
C LEU A 105 1.31 -5.62 -15.96
N ALA A 106 1.17 -6.94 -15.90
CA ALA A 106 -0.02 -7.48 -15.25
C ALA A 106 -0.21 -7.05 -13.82
N LEU A 107 0.87 -7.09 -13.04
CA LEU A 107 0.80 -6.64 -11.65
C LEU A 107 0.43 -5.18 -11.51
N VAL A 108 1.11 -4.30 -12.21
CA VAL A 108 0.87 -2.86 -12.05
C VAL A 108 -0.50 -2.54 -12.59
N GLY A 109 -0.91 -3.15 -13.71
CA GLY A 109 -2.26 -2.88 -14.19
C GLY A 109 -3.38 -3.43 -13.31
N ALA A 110 -3.20 -4.64 -12.82
CA ALA A 110 -4.23 -5.13 -11.84
C ALA A 110 -4.31 -4.24 -10.61
N ASP A 111 -3.14 -3.75 -10.20
CA ASP A 111 -3.11 -2.89 -9.04
C ASP A 111 -3.83 -1.58 -9.35
N GLY A 112 -3.61 -0.98 -10.52
CA GLY A 112 -4.35 0.22 -10.90
C GLY A 112 -5.83 -0.04 -10.84
N ILE A 113 -6.25 -1.21 -11.34
CA ILE A 113 -7.69 -1.50 -11.31
C ILE A 113 -8.16 -1.61 -9.87
N MET A 114 -7.38 -2.26 -9.02
CA MET A 114 -7.74 -2.40 -7.62
C MET A 114 -7.92 -1.05 -6.97
N ILE A 115 -6.98 -0.15 -7.17
CA ILE A 115 -7.11 1.15 -6.47
C ILE A 115 -8.17 2.00 -7.11
N GLY A 116 -8.27 2.02 -8.45
CA GLY A 116 -9.26 2.87 -9.05
C GLY A 116 -10.67 2.41 -8.78
N THR A 117 -10.92 1.10 -8.76
CA THR A 117 -12.27 0.64 -8.39
C THR A 117 -12.55 0.83 -6.89
N GLY A 118 -11.50 0.73 -6.07
CA GLY A 118 -11.68 1.10 -4.66
C GLY A 118 -12.05 2.56 -4.50
N LEU A 119 -11.47 3.46 -5.28
CA LEU A 119 -11.83 4.85 -5.21
C LEU A 119 -13.22 5.11 -5.71
N VAL A 120 -13.61 4.48 -6.83
CA VAL A 120 -14.99 4.63 -7.28
C VAL A 120 -15.95 4.14 -6.20
N GLY A 121 -15.66 2.98 -5.62
CA GLY A 121 -16.53 2.46 -4.51
C GLY A 121 -16.57 3.47 -3.36
N ALA A 122 -15.41 4.06 -3.03
CA ALA A 122 -15.42 5.01 -1.90
C ALA A 122 -16.24 6.28 -2.14
N LEU A 123 -16.39 6.69 -3.39
CA LEU A 123 -17.14 7.89 -3.73
C LEU A 123 -18.55 7.63 -4.25
N THR A 124 -18.99 6.37 -4.36
CA THR A 124 -20.29 6.06 -4.93
C THR A 124 -21.42 6.38 -3.95
N LYS A 125 -22.42 7.12 -4.43
CA LYS A 125 -23.54 7.62 -3.61
C LYS A 125 -24.67 6.62 -3.43
N VAL A 126 -24.79 5.61 -4.30
CA VAL A 126 -25.76 4.52 -4.07
C VAL A 126 -25.12 3.46 -3.19
N TYR A 127 -25.59 3.31 -1.94
CA TYR A 127 -24.93 2.44 -0.99
C TYR A 127 -24.67 1.02 -1.47
N SER A 128 -25.68 0.30 -1.98
N SER A 128 -25.66 0.32 -1.99
CA SER A 128 -25.42 -1.09 -2.37
CA SER A 128 -25.45 -1.08 -2.39
C SER A 128 -24.31 -1.20 -3.40
C SER A 128 -24.39 -1.24 -3.46
N TYR A 129 -24.24 -0.23 -4.32
CA TYR A 129 -23.25 -0.32 -5.39
C TYR A 129 -21.83 -0.15 -4.85
N ARG A 130 -21.68 0.51 -3.70
CA ARG A 130 -20.31 0.59 -3.18
C ARG A 130 -19.65 -0.77 -3.05
N PHE A 131 -20.46 -1.77 -2.71
CA PHE A 131 -19.92 -3.10 -2.46
C PHE A 131 -19.68 -3.89 -3.74
N VAL A 132 -20.33 -3.48 -4.83
CA VAL A 132 -19.99 -4.04 -6.13
C VAL A 132 -18.57 -3.66 -6.50
N TRP A 133 -18.24 -2.38 -6.31
CA TRP A 133 -16.85 -1.93 -6.55
C TRP A 133 -15.90 -2.60 -5.61
N TRP A 134 -16.29 -2.75 -4.34
CA TRP A 134 -15.41 -3.46 -3.42
C TRP A 134 -15.09 -4.87 -3.92
N ALA A 135 -16.10 -5.55 -4.46
CA ALA A 135 -15.86 -6.94 -4.90
C ALA A 135 -14.93 -6.99 -6.10
N ILE A 136 -15.11 -6.05 -7.04
CA ILE A 136 -14.26 -6.00 -8.23
C ILE A 136 -12.83 -5.72 -7.81
N SER A 137 -12.68 -4.74 -6.91
CA SER A 137 -11.34 -4.43 -6.41
C SER A 137 -10.70 -5.62 -5.72
N THR A 138 -11.47 -6.33 -4.91
CA THR A 138 -10.97 -7.53 -4.21
C THR A 138 -10.59 -8.58 -5.23
N ALA A 139 -11.34 -8.75 -6.30
CA ALA A 139 -10.95 -9.70 -7.34
C ALA A 139 -9.59 -9.33 -7.94
N ALA A 140 -9.37 -8.04 -8.19
CA ALA A 140 -8.05 -7.62 -8.66
C ALA A 140 -6.96 -7.89 -7.64
N MET A 141 -7.22 -7.70 -6.34
CA MET A 141 -6.23 -7.98 -5.32
C MET A 141 -5.90 -9.47 -5.31
N LEU A 142 -6.98 -10.27 -5.41
CA LEU A 142 -6.72 -11.72 -5.42
C LEU A 142 -5.88 -12.11 -6.62
N TYR A 143 -6.12 -11.48 -7.78
CA TYR A 143 -5.28 -11.75 -8.95
C TYR A 143 -3.85 -11.42 -8.64
N ILE A 144 -3.56 -10.25 -8.06
CA ILE A 144 -2.21 -9.90 -7.73
C ILE A 144 -1.58 -10.91 -6.80
N LEU A 145 -2.31 -11.27 -5.73
CA LEU A 145 -1.74 -12.29 -4.83
C LEU A 145 -1.50 -13.61 -5.54
N TYR A 146 -2.39 -14.02 -6.43
CA TYR A 146 -2.15 -15.21 -7.25
C TYR A 146 -0.84 -15.11 -8.02
N VAL A 147 -0.61 -14.01 -8.73
CA VAL A 147 0.59 -13.84 -9.49
C VAL A 147 1.81 -13.91 -8.58
N LEU A 148 1.74 -13.24 -7.42
CA LEU A 148 2.91 -13.22 -6.54
C LEU A 148 3.27 -14.64 -6.12
N PHE A 149 2.31 -15.55 -6.00
CA PHE A 149 2.67 -16.91 -5.54
C PHE A 149 2.85 -17.93 -6.63
N PHE A 150 2.31 -17.66 -7.81
CA PHE A 150 2.34 -18.64 -8.87
C PHE A 150 2.85 -18.08 -10.19
N GLY A 151 3.19 -16.80 -10.32
CA GLY A 151 3.61 -16.22 -11.60
C GLY A 151 5.10 -16.14 -11.86
N PHE A 152 5.91 -16.65 -10.93
CA PHE A 152 7.37 -16.56 -11.05
C PHE A 152 8.06 -17.91 -11.03
N THR A 153 7.44 -18.98 -11.54
CA THR A 153 8.02 -20.33 -11.50
C THR A 153 9.17 -20.56 -12.48
N SER A 154 9.37 -19.66 -13.44
CA SER A 154 10.46 -19.75 -14.39
C SER A 154 11.77 -19.20 -13.82
N LYS A 155 11.58 -18.49 -12.71
CA LYS A 155 12.60 -17.75 -12.01
C LYS A 155 13.23 -18.45 -10.83
N ALA A 156 12.75 -19.64 -10.46
CA ALA A 156 13.28 -20.31 -9.29
C ALA A 156 14.55 -21.08 -9.63
N GLU A 157 14.63 -21.63 -10.85
CA GLU A 157 15.84 -22.36 -11.22
C GLU A 157 17.06 -21.46 -11.06
N SER A 158 16.86 -20.20 -11.40
CA SER A 158 17.79 -19.09 -11.39
C SER A 158 17.17 -17.97 -10.54
N MET A 159 17.73 -17.90 -9.35
CA MET A 159 17.38 -17.10 -8.22
C MET A 159 18.38 -17.33 -7.08
N ARG A 160 19.20 -16.33 -6.80
CA ARG A 160 20.19 -16.41 -5.71
C ARG A 160 19.47 -16.78 -4.44
N PRO A 161 20.06 -17.60 -3.57
CA PRO A 161 19.37 -18.01 -2.34
C PRO A 161 18.92 -16.80 -1.54
N GLU A 162 19.72 -15.73 -1.53
CA GLU A 162 19.33 -14.59 -0.69
C GLU A 162 18.19 -13.81 -1.32
N VAL A 163 18.19 -13.74 -2.66
CA VAL A 163 17.02 -13.13 -3.30
C VAL A 163 15.77 -13.94 -2.99
N ALA A 164 15.85 -15.29 -3.11
CA ALA A 164 14.65 -16.10 -2.87
C ALA A 164 14.17 -15.93 -1.44
N SER A 165 15.10 -15.82 -0.50
CA SER A 165 14.72 -15.76 0.92
C SER A 165 14.03 -14.44 1.24
N THR A 166 14.57 -13.37 0.66
CA THR A 166 14.02 -12.03 0.98
C THR A 166 12.69 -11.87 0.27
N PHE A 167 12.62 -12.42 -0.94
CA PHE A 167 11.35 -12.32 -1.71
C PHE A 167 10.27 -13.09 -0.98
N LYS A 168 10.55 -14.29 -0.50
CA LYS A 168 9.55 -15.06 0.27
C LYS A 168 9.08 -14.28 1.48
N VAL A 169 10.02 -13.67 2.21
CA VAL A 169 9.56 -12.95 3.40
C VAL A 169 8.70 -11.76 3.02
N LEU A 170 9.16 -10.97 2.04
CA LEU A 170 8.36 -9.76 1.69
C LEU A 170 7.05 -10.13 1.04
N ARG A 171 7.03 -11.26 0.32
CA ARG A 171 5.74 -11.65 -0.28
C ARG A 171 4.78 -12.08 0.80
N ASN A 172 5.23 -12.77 1.84
CA ASN A 172 4.32 -13.11 2.94
C ASN A 172 3.84 -11.87 3.71
N VAL A 173 4.73 -10.90 3.95
CA VAL A 173 4.35 -9.64 4.57
C VAL A 173 3.26 -8.99 3.75
N THR A 174 3.48 -8.95 2.44
CA THR A 174 2.50 -8.32 1.53
C THR A 174 1.15 -8.99 1.54
N VAL A 175 1.12 -10.32 1.40
CA VAL A 175 -0.18 -11.01 1.33
C VAL A 175 -0.94 -10.80 2.62
N VAL A 176 -0.27 -10.86 3.76
CA VAL A 176 -1.00 -10.77 5.03
C VAL A 176 -1.49 -9.35 5.21
N LEU A 177 -0.61 -8.35 5.05
CA LEU A 177 -1.06 -6.98 5.30
C LEU A 177 -2.03 -6.51 4.24
N TRP A 178 -1.75 -6.78 2.95
CA TRP A 178 -2.67 -6.21 1.92
C TRP A 178 -4.04 -6.87 2.09
N SER A 179 -4.10 -8.15 2.48
CA SER A 179 -5.44 -8.77 2.55
C SER A 179 -6.31 -8.12 3.61
N ALA A 180 -5.69 -7.45 4.59
CA ALA A 180 -6.49 -6.79 5.63
C ALA A 180 -7.18 -5.53 5.17
N TYR A 181 -6.66 -4.89 4.13
CA TYR A 181 -7.27 -3.62 3.69
C TYR A 181 -8.71 -3.84 3.22
N PRO A 182 -9.11 -4.79 2.39
CA PRO A 182 -10.51 -4.85 2.03
C PRO A 182 -11.38 -5.13 3.24
N VAL A 183 -10.84 -5.91 4.19
CA VAL A 183 -11.67 -6.17 5.37
C VAL A 183 -11.94 -4.87 6.12
N VAL A 184 -10.88 -4.09 6.33
CA VAL A 184 -11.07 -2.81 7.09
C VAL A 184 -12.06 -1.92 6.36
N TRP A 185 -11.89 -1.83 5.05
CA TRP A 185 -12.78 -0.97 4.27
C TRP A 185 -14.22 -1.47 4.38
N LEU A 186 -14.38 -2.79 4.24
CA LEU A 186 -15.75 -3.37 4.36
C LEU A 186 -16.44 -3.10 5.66
N ILE A 187 -15.76 -3.15 6.80
CA ILE A 187 -16.42 -2.95 8.11
C ILE A 187 -16.37 -1.50 8.54
N GLY A 188 -15.52 -0.68 7.93
CA GLY A 188 -15.37 0.70 8.29
C GLY A 188 -16.25 1.70 7.60
N SER A 189 -15.82 2.96 7.61
N SER A 189 -15.92 2.99 7.62
CA SER A 189 -16.58 4.14 7.26
CA SER A 189 -16.85 4.03 7.19
C SER A 189 -17.00 4.20 5.81
C SER A 189 -17.19 3.95 5.71
N GLU A 190 -16.30 3.42 4.99
N GLU A 190 -16.26 3.40 4.93
CA GLU A 190 -16.57 3.42 3.55
CA GLU A 190 -16.45 3.31 3.49
C GLU A 190 -17.54 2.31 3.18
C GLU A 190 -17.51 2.26 3.15
N GLY A 191 -17.70 1.35 4.09
CA GLY A 191 -18.49 0.16 3.85
C GLY A 191 -19.67 0.04 4.76
N ALA A 192 -19.71 -1.00 5.57
CA ALA A 192 -20.86 -1.24 6.47
C ALA A 192 -20.95 -0.32 7.67
N GLY A 193 -19.90 0.40 8.03
CA GLY A 193 -20.05 1.35 9.13
C GLY A 193 -20.15 0.70 10.48
N ILE A 194 -19.60 -0.50 10.62
CA ILE A 194 -19.61 -1.19 11.92
C ILE A 194 -18.42 -0.84 12.79
N VAL A 195 -17.32 -0.35 12.22
CA VAL A 195 -16.16 0.17 12.99
C VAL A 195 -16.07 1.66 12.73
N PRO A 196 -16.03 2.47 13.78
CA PRO A 196 -16.04 3.92 13.56
C PRO A 196 -14.79 4.39 12.86
N LEU A 197 -14.89 5.58 12.27
CA LEU A 197 -13.80 6.10 11.46
C LEU A 197 -12.54 6.28 12.29
N ASN A 198 -12.70 6.63 13.56
CA ASN A 198 -11.48 6.77 14.40
C ASN A 198 -10.68 5.48 14.43
N ILE A 199 -11.35 4.38 14.73
CA ILE A 199 -10.67 3.07 14.74
C ILE A 199 -10.21 2.64 13.36
N GLU A 200 -11.03 2.86 12.34
N GLU A 200 -11.01 2.89 12.33
CA GLU A 200 -10.60 2.57 10.98
CA GLU A 200 -10.54 2.51 10.99
C GLU A 200 -9.27 3.25 10.63
C GLU A 200 -9.27 3.26 10.58
N THR A 201 -9.15 4.49 11.05
CA THR A 201 -8.00 5.32 10.69
C THR A 201 -6.79 4.74 11.39
N LEU A 202 -6.99 4.33 12.63
CA LEU A 202 -5.98 3.63 13.39
C LEU A 202 -5.52 2.38 12.65
N LEU A 203 -6.47 1.56 12.22
CA LEU A 203 -6.13 0.31 11.54
C LEU A 203 -5.36 0.57 10.27
N PHE A 204 -5.79 1.48 9.40
CA PHE A 204 -5.04 1.73 8.19
C PHE A 204 -3.66 2.30 8.48
N MET A 205 -3.51 3.06 9.56
N MET A 205 -3.51 3.06 9.56
CA MET A 205 -2.23 3.64 9.96
CA MET A 205 -2.21 3.64 9.91
C MET A 205 -1.23 2.53 10.27
C MET A 205 -1.23 2.54 10.28
N VAL A 206 -1.70 1.60 11.09
CA VAL A 206 -0.82 0.46 11.44
C VAL A 206 -0.48 -0.39 10.22
N LEU A 207 -1.49 -0.70 9.42
CA LEU A 207 -1.20 -1.44 8.16
C LEU A 207 -0.23 -0.69 7.27
N ASP A 208 -0.49 0.64 7.06
CA ASP A 208 0.31 1.38 6.07
C ASP A 208 1.75 1.47 6.53
N VAL A 209 1.93 1.80 7.83
CA VAL A 209 3.34 1.95 8.30
C VAL A 209 4.05 0.62 8.19
N SER A 210 3.34 -0.49 8.51
CA SER A 210 3.95 -1.82 8.38
C SER A 210 4.25 -2.23 6.93
N ALA A 211 3.32 -1.92 6.03
CA ALA A 211 3.41 -2.35 4.65
C ALA A 211 4.42 -1.47 3.85
N LYS A 212 4.81 -0.31 4.41
CA LYS A 212 5.70 0.61 3.72
C LYS A 212 7.02 0.71 4.44
N VAL A 213 7.00 1.16 5.70
CA VAL A 213 8.24 1.27 6.48
C VAL A 213 8.72 -0.10 6.95
N GLY A 214 7.85 -0.92 7.48
CA GLY A 214 8.28 -2.28 7.93
C GLY A 214 8.83 -3.07 6.76
N PHE A 215 8.03 -3.13 5.68
CA PHE A 215 8.47 -3.78 4.42
C PHE A 215 9.82 -3.25 4.01
N GLY A 216 9.96 -1.92 3.95
CA GLY A 216 11.21 -1.38 3.42
C GLY A 216 12.39 -1.64 4.34
N LEU A 217 12.15 -1.72 5.63
CA LEU A 217 13.29 -2.04 6.50
C LEU A 217 13.76 -3.45 6.18
N ILE A 218 12.84 -4.39 5.99
CA ILE A 218 13.27 -5.75 5.66
C ILE A 218 14.03 -5.76 4.35
N LEU A 219 13.51 -5.07 3.34
CA LEU A 219 14.14 -5.11 2.02
C LEU A 219 15.54 -4.49 2.11
N LEU A 220 15.66 -3.30 2.68
CA LEU A 220 16.86 -2.48 2.48
C LEU A 220 17.98 -2.96 3.37
N ARG A 221 17.67 -3.90 4.27
CA ARG A 221 18.73 -4.47 5.11
C ARG A 221 19.28 -5.74 4.49
N SER A 222 18.64 -6.19 3.40
N SER A 222 18.65 -6.17 3.39
CA SER A 222 19.07 -7.43 2.78
CA SER A 222 19.05 -7.45 2.78
C SER A 222 20.23 -7.25 1.80
C SER A 222 20.13 -7.32 1.72
N ARG A 223 20.98 -8.35 1.57
CA ARG A 223 22.02 -8.24 0.52
C ARG A 223 21.40 -8.59 -0.83
N ALA A 224 20.13 -8.96 -0.82
CA ALA A 224 19.47 -9.33 -2.07
C ALA A 224 19.31 -8.12 -2.98
N ILE A 225 19.41 -6.91 -2.43
CA ILE A 225 19.25 -5.74 -3.30
C ILE A 225 20.52 -5.38 -4.06
N PHE A 226 21.63 -6.06 -3.85
CA PHE A 226 22.83 -5.73 -4.62
C PHE A 226 23.04 -6.83 -5.66
N GLY A 227 23.50 -6.43 -6.83
CA GLY A 227 24.01 -7.43 -7.80
C GLY A 227 25.15 -8.16 -7.10
N GLU A 228 25.30 -9.44 -7.43
CA GLU A 228 26.36 -10.24 -6.80
C GLU A 228 27.67 -10.06 -7.55
C1 RET B . -9.52 -1.36 -0.97
C2 RET B . -11.07 -1.46 -0.87
C3 RET B . -11.74 -2.21 -1.98
C4 RET B . -11.20 -3.61 -1.91
C5 RET B . -9.73 -3.71 -1.75
C6 RET B . -8.87 -2.70 -1.33
C7 RET B . -7.43 -2.94 -1.27
C8 RET B . -6.40 -2.07 -0.94
C9 RET B . -5.04 -2.41 -0.67
C10 RET B . -4.29 -1.36 -0.20
C11 RET B . -2.89 -1.54 0.15
C12 RET B . -2.25 -0.46 0.68
C13 RET B . -0.85 -0.31 0.97
C14 RET B . -0.57 1.02 1.40
C15 RET B . 0.78 1.43 1.26
C16 RET B . -9.07 -0.33 -2.01
C17 RET B . -9.13 -0.91 0.46
C18 RET B . -9.20 -5.06 -2.23
C19 RET B . -4.57 -3.79 -0.89
C20 RET B . 0.03 -1.49 0.78
C1 L2P C . -8.38 16.90 -5.78
O1 L2P C . -7.25 17.56 -6.47
C2 L2P C . -9.70 17.74 -5.96
O2 L2P C . -9.59 19.08 -6.47
C3 L2P C . -10.65 17.55 -4.76
O3 L2P C . -10.49 18.52 -3.68
C11 L2P C . -6.05 17.84 -5.70
C12 L2P C . -5.39 16.60 -5.10
C13 L2P C . -4.39 15.95 -6.08
C14 L2P C . -4.85 16.02 -7.53
C15 L2P C . -4.10 14.54 -5.58
C16 L2P C . -2.84 14.47 -4.71
C17 L2P C . -1.66 13.63 -5.39
C18 L2P C . -0.34 13.91 -4.49
C19 L2P C . -0.31 15.38 -3.87
C20 L2P C . 0.91 13.62 -5.31
C21 L2P C . 1.64 12.34 -4.94
C22 L2P C . 3.15 12.38 -5.27
C23 L2P C . 3.47 12.06 -6.73
C24 L2P C . 2.71 12.90 -7.77
C25 L2P C . 3.35 10.56 -7.02
C26 L2P C . 4.70 9.84 -7.04
C27 L2P C . 5.13 9.43 -8.45
C28 L2P C . 5.98 8.16 -8.46
C29 L2P C . 6.46 7.70 -9.83
C30 L2P C . 7.11 8.18 -7.40
C41 L2P C . -9.47 19.28 -7.90
C42 L2P C . -8.01 19.38 -8.41
C43 L2P C . -7.87 20.36 -9.58
C44 L2P C . -8.69 21.65 -9.40
C45 L2P C . -8.11 19.69 -10.96
C46 L2P C . -7.12 18.55 -11.24
C47 L2P C . -6.07 18.92 -12.30
C48 L2P C . -5.01 17.84 -12.49
C49 L2P C . -3.62 18.23 -11.95
C50 L2P C . -4.94 17.31 -13.93
C51 L2P C . -3.76 16.37 -14.17
C52 L2P C . -4.03 14.93 -13.72
C53 L2P C . -4.90 14.13 -14.69
C54 L2P C . -5.91 13.21 -14.00
C55 L2P C . -4.07 13.43 -15.77
C56 L2P C . -4.54 13.71 -17.20
C57 L2P C . -6.01 13.36 -17.43
C58 L2P C . -6.48 13.60 -18.87
C59 L2P C . -7.57 12.64 -19.32
C60 L2P C . -6.82 15.07 -19.16
C1 L2P D . -3.79 -15.57 -13.73
O1 L2P D . -5.15 -16.06 -13.51
C2 L2P D . -3.32 -15.71 -15.19
O2 L2P D . -3.94 -14.64 -15.96
C3 L2P D . -3.71 -17.11 -15.71
O3 L2P D . -4.99 -17.55 -15.18
C11 L2P D . -5.45 -16.64 -12.22
C12 L2P D . -6.85 -16.34 -11.69
C41 L2P D . -3.24 -13.41 -16.14
C42 L2P D . -3.67 -12.54 -17.33
C43 L2P D . -2.77 -11.34 -17.62
C44 L2P D . -1.28 -11.68 -17.71
C45 L2P D . -3.03 -10.18 -16.64
C46 L2P D . -3.76 -9.00 -17.27
C47 L2P D . -4.50 -8.15 -16.22
C48 L2P D . -5.30 -9.02 -15.24
C49 L2P D . -6.44 -9.77 -15.94
C50 L2P D . -5.80 -8.20 -14.04
C51 L2P D . -7.15 -7.53 -14.31
C52 L2P D . -8.35 -8.32 -13.79
C53 L2P D . -9.58 -7.44 -13.53
C54 L2P D . -10.17 -7.53 -12.11
C55 L2P D . -10.64 -7.55 -14.67
C56 L2P D . -11.98 -6.89 -14.28
C57 L2P D . -13.08 -7.93 -14.03
C58 L2P D . -13.51 -8.66 -15.30
C59 L2P D . -14.73 -9.56 -15.10
C60 L2P D . -13.65 -7.72 -16.50
C1 L2P E . 6.62 -19.44 3.29
O1 L2P E . 5.54 -18.79 2.57
C2 L2P E . 6.43 -19.52 4.81
O2 L2P E . 6.34 -18.14 5.21
C3 L2P E . 7.52 -20.32 5.54
O3 L2P E . 7.88 -21.57 4.90
C11 L2P E . 4.20 -19.34 2.65
C12 L2P E . 3.41 -18.91 3.90
C13 L2P E . 1.90 -18.78 3.64
C14 L2P E . 1.57 -18.09 2.29
C15 L2P E . 1.12 -18.15 4.81
C16 L2P E . -0.22 -17.55 4.37
C17 L2P E . -0.26 -16.02 4.38
C18 L2P E . -1.42 -15.47 5.24
C19 L2P E . -1.40 -16.04 6.69
C20 L2P E . -2.79 -15.63 4.55
C21 L2P E . -3.77 -14.50 4.90
C22 L2P E . -5.00 -14.48 4.00
C23 L2P E . -6.30 -14.06 4.70
C24 L2P E . -6.56 -14.76 6.04
C25 L2P E . -7.50 -13.87 3.77
C26 L2P E . -7.12 -12.96 2.51
C27 L2P E . -8.34 -12.71 1.61
C28 L2P E . -9.24 -11.55 2.10
C29 L2P E . -9.50 -11.57 3.61
C30 L2P E . -8.81 -10.17 1.54
C41 L2P E . 6.07 -17.83 6.59
C42 L2P E . 4.58 -17.83 6.95
C43 L2P E . 4.20 -16.68 7.89
C44 L2P E . 5.24 -16.47 9.03
C45 L2P E . 2.77 -16.81 8.40
C46 L2P E . 2.22 -15.48 8.94
C47 L2P E . 0.71 -15.49 9.12
C48 L2P E . 0.22 -14.36 10.05
C49 L2P E . 0.47 -14.64 11.54
C50 L2P E . -1.19 -13.91 9.72
C51 L2P E . -1.51 -12.50 10.22
C52 L2P E . -3.02 -12.37 10.69
C53 L2P E . -3.26 -10.86 11.16
C54 L2P E . -2.01 -10.16 11.76
C55 L2P E . -4.53 -10.75 12.00
C56 L2P E . -5.50 -12.00 11.75
C57 L2P E . -6.74 -11.91 12.64
C58 L2P E . -8.06 -11.94 11.86
C59 L2P E . -8.93 -13.17 12.20
C60 L2P E . -8.84 -10.63 11.92
C1 L2P F . -32.16 -1.65 -9.98
O1 L2P F . -30.77 -1.79 -10.36
C2 L2P F . -33.07 -1.08 -11.07
O2 L2P F . -32.50 -1.88 -12.16
C3 L2P F . -32.88 0.43 -11.25
O3 L2P F . -32.79 1.18 -9.99
C11 L2P F . -30.16 -3.10 -10.32
C12 L2P F . -28.66 -3.08 -9.98
C13 L2P F . -27.78 -3.36 -11.20
C14 L2P F . -28.36 -4.43 -12.14
C15 L2P F . -26.36 -3.70 -10.74
C16 L2P F . -25.55 -4.42 -11.82
C17 L2P F . -24.05 -4.46 -11.53
C18 L2P F . -23.56 -5.85 -11.14
C19 L2P F . -24.40 -6.51 -10.04
C20 L2P F . -22.05 -5.87 -10.82
C21 L2P F . -21.53 -7.32 -10.74
C22 L2P F . -20.47 -7.47 -9.64
C23 L2P F . -19.14 -8.05 -10.15
C24 L2P F . -19.34 -9.18 -11.17
C25 L2P F . -18.24 -8.45 -8.98
C26 L2P F . -17.15 -9.46 -9.38
C27 L2P F . -15.71 -8.94 -9.16
C28 L2P F . -14.75 -9.46 -10.26
C29 L2P F . -14.55 -10.97 -10.20
C30 L2P F . -15.09 -8.94 -11.66
C41 L2P F . -32.83 -3.27 -12.23
C42 L2P F . -33.20 -3.78 -13.64
C43 L2P F . -32.39 -5.04 -14.02
C44 L2P F . -32.65 -6.24 -13.08
C45 L2P F . -30.86 -4.71 -14.19
C46 L2P F . -30.21 -5.63 -15.28
C47 L2P F . -28.84 -6.15 -14.81
C48 L2P F . -27.95 -6.68 -15.94
C49 L2P F . -27.90 -8.21 -16.00
C50 L2P F . -26.56 -6.02 -15.97
C51 L2P F . -25.62 -6.69 -16.98
C52 L2P F . -24.15 -6.30 -16.79
C53 L2P F . -23.27 -7.43 -16.27
C54 L2P F . -22.15 -6.94 -15.36
C55 L2P F . -22.78 -8.35 -17.38
C56 L2P F . -22.13 -9.64 -16.86
C57 L2P F . -20.62 -9.56 -16.70
C58 L2P F . -19.91 -10.91 -16.90
C59 L2P F . -18.40 -10.78 -17.06
C60 L2P F . -20.32 -11.95 -15.85
#